data_5MRU
#
_entry.id   5MRU
#
_cell.length_a   65.669
_cell.length_b   65.669
_cell.length_c   98.556
_cell.angle_alpha   90.00
_cell.angle_beta   90.00
_cell.angle_gamma   90.00
#
_symmetry.space_group_name_H-M   'P 41 21 2'
#
loop_
_entity.id
_entity.type
_entity.pdbx_description
1 polymer 'Tetracycline Repressor, class A'
2 non-polymer 5A,6-ANHYDROTETRACYCLINE
3 non-polymer 'MAGNESIUM ION'
4 water water
#
_entity_poly.entity_id   1
_entity_poly.type   'polypeptide(L)'
_entity_poly.pdbx_seq_one_letter_code
;MTKLQPNTVIRAALDLLNEVGVDGLTTRKLAERLGVQQPALYWHFRNKRALLDALAEAMLAENHSTSVPRADDDWRSFLT
GNARSFRQALLAYRDGARIHAGTRPGAPQMETADAQLRFLCEAGFSAGDAVNALMTISYFTVGAVLEEQAGDSESGERGG
TVEQAPLSPLLRAAIDAFDEAGPDAAFEQGLAVIVDGLAKRRLVVRNVEGPRKGDD
;
_entity_poly.pdbx_strand_id   A
#
loop_
_chem_comp.id
_chem_comp.type
_chem_comp.name
_chem_comp.formula
MG non-polymer 'MAGNESIUM ION' 'Mg 2'
TDC non-polymer 5A,6-ANHYDROTETRACYCLINE 'C22 H22 N2 O7'
#
# COMPACT_ATOMS: atom_id res chain seq x y z
N LEU A 4 -12.94 -7.59 -14.00
CA LEU A 4 -12.04 -6.48 -13.55
C LEU A 4 -12.70 -5.10 -13.74
N GLN A 5 -12.04 -4.18 -14.46
CA GLN A 5 -12.47 -2.76 -14.70
C GLN A 5 -11.40 -1.98 -15.51
N PRO A 6 -11.79 -1.16 -16.52
CA PRO A 6 -10.82 -0.51 -17.47
C PRO A 6 -9.72 0.45 -16.89
N ASN A 7 -8.52 0.41 -17.49
CA ASN A 7 -7.34 1.18 -17.07
C ASN A 7 -7.50 2.66 -17.33
N THR A 8 -7.92 3.01 -18.54
CA THR A 8 -8.22 4.41 -18.87
C THR A 8 -9.12 5.04 -17.75
N VAL A 9 -10.09 4.26 -17.26
CA VAL A 9 -10.97 4.72 -16.17
C VAL A 9 -10.21 4.86 -14.84
N ILE A 10 -9.35 3.89 -14.54
CA ILE A 10 -8.59 3.93 -13.30
C ILE A 10 -7.54 5.05 -13.31
N ARG A 11 -6.86 5.20 -14.44
CA ARG A 11 -5.92 6.27 -14.55
C ARG A 11 -6.63 7.59 -14.28
N ALA A 12 -7.79 7.79 -14.90
CA ALA A 12 -8.53 9.03 -14.74
C ALA A 12 -8.92 9.25 -13.26
N ALA A 13 -9.27 8.17 -12.57
CA ALA A 13 -9.67 8.34 -11.17
C ALA A 13 -8.47 8.66 -10.30
N LEU A 14 -7.35 8.01 -10.55
CA LEU A 14 -6.10 8.35 -9.83
C LEU A 14 -5.70 9.81 -10.00
N ASP A 15 -5.85 10.31 -11.22
CA ASP A 15 -5.43 11.67 -11.52
C ASP A 15 -6.36 12.64 -10.84
N LEU A 16 -7.63 12.28 -10.75
CA LEU A 16 -8.61 13.18 -10.10
C LEU A 16 -8.37 13.13 -8.58
N LEU A 17 -8.10 11.95 -8.07
CA LEU A 17 -7.70 11.76 -6.67
C LEU A 17 -6.59 12.69 -6.33
N ASN A 18 -5.59 12.84 -7.19
CA ASN A 18 -4.54 13.80 -6.87
C ASN A 18 -5.06 15.21 -6.77
N GLU A 19 -6.06 15.56 -7.57
CA GLU A 19 -6.63 16.90 -7.54
C GLU A 19 -7.43 17.17 -6.29
N VAL A 20 -8.34 16.25 -5.92
CA VAL A 20 -9.39 16.54 -4.93
C VAL A 20 -9.34 15.66 -3.68
N GLY A 21 -8.34 14.80 -3.54
CA GLY A 21 -8.31 13.81 -2.45
C GLY A 21 -9.56 12.91 -2.42
N VAL A 22 -9.53 12.00 -1.46
CA VAL A 22 -10.64 11.08 -1.24
C VAL A 22 -11.99 11.75 -0.97
N ASP A 23 -12.01 12.77 -0.13
CA ASP A 23 -13.26 13.43 0.29
C ASP A 23 -14.02 14.05 -0.87
N GLY A 24 -13.31 14.62 -1.84
CA GLY A 24 -13.94 15.20 -3.04
C GLY A 24 -14.10 14.24 -4.20
N LEU A 25 -13.56 13.05 -4.11
CA LEU A 25 -13.66 12.10 -5.22
C LEU A 25 -15.02 11.39 -5.20
N THR A 26 -15.80 11.55 -6.26
CA THR A 26 -17.00 10.75 -6.45
C THR A 26 -17.10 10.23 -7.88
N THR A 27 -17.90 9.21 -8.06
CA THR A 27 -18.12 8.63 -9.39
C THR A 27 -18.75 9.64 -10.35
N ARG A 28 -19.68 10.49 -9.90
CA ARG A 28 -20.20 11.51 -10.81
C ARG A 28 -19.05 12.41 -11.32
N LYS A 29 -18.10 12.77 -10.45
CA LYS A 29 -17.00 13.63 -10.85
C LYS A 29 -16.05 12.85 -11.72
N LEU A 30 -15.86 11.58 -11.43
CA LEU A 30 -15.06 10.76 -12.32
C LEU A 30 -15.60 10.83 -13.76
N ALA A 31 -16.92 10.68 -13.96
CA ALA A 31 -17.52 10.69 -15.30
C ALA A 31 -17.34 12.05 -16.01
N GLU A 32 -17.49 13.13 -15.23
CA GLU A 32 -17.31 14.47 -15.75
C GLU A 32 -15.87 14.71 -16.19
N ARG A 33 -14.94 13.92 -15.67
CA ARG A 33 -13.54 13.98 -16.12
C ARG A 33 -13.43 13.29 -17.47
N LEU A 34 -13.98 12.10 -17.60
CA LEU A 34 -13.88 11.29 -18.82
C LEU A 34 -14.59 11.82 -20.11
N GLY A 35 -15.88 12.12 -20.02
CA GLY A 35 -16.71 12.41 -21.21
C GLY A 35 -15.94 12.97 -22.40
N ALA A 40 -15.89 4.94 -25.88
CA ALA A 40 -17.25 4.60 -25.53
C ALA A 40 -17.28 3.21 -24.94
N LEU A 41 -16.61 3.07 -23.80
CA LEU A 41 -16.44 1.77 -23.12
C LEU A 41 -16.96 1.91 -21.69
N TYR A 42 -17.73 0.92 -21.26
CA TYR A 42 -18.63 1.06 -20.12
C TYR A 42 -17.97 0.75 -18.78
N TRP A 43 -18.35 1.50 -17.77
CA TRP A 43 -17.83 1.21 -16.45
C TRP A 43 -18.84 1.57 -15.37
N HIS A 44 -18.78 0.84 -14.27
CA HIS A 44 -19.65 1.11 -13.16
C HIS A 44 -19.02 0.66 -11.86
N PHE A 45 -19.11 1.48 -10.83
CA PHE A 45 -18.68 1.00 -9.51
C PHE A 45 -19.87 0.78 -8.57
N ARG A 46 -19.84 -0.32 -7.85
CA ARG A 46 -20.96 -0.66 -6.99
C ARG A 46 -21.18 0.49 -5.97
N ASN A 47 -20.11 1.16 -5.55
CA ASN A 47 -20.22 2.33 -4.69
C ASN A 47 -18.84 2.90 -4.54
N LYS A 48 -18.75 4.01 -3.82
CA LYS A 48 -17.48 4.68 -3.65
C LYS A 48 -16.42 3.74 -3.11
N ARG A 49 -16.80 2.91 -2.16
CA ARG A 49 -15.84 2.09 -1.47
C ARG A 49 -15.17 1.15 -2.43
N ALA A 50 -15.97 0.72 -3.40
CA ALA A 50 -15.54 -0.15 -4.48
C ALA A 50 -14.54 0.59 -5.37
N LEU A 51 -14.80 1.87 -5.64
CA LEU A 51 -13.84 2.69 -6.36
C LEU A 51 -12.52 2.78 -5.62
N LEU A 52 -12.59 3.03 -4.31
CA LEU A 52 -11.38 3.17 -3.52
C LEU A 52 -10.69 1.79 -3.36
N ASP A 53 -11.45 0.70 -3.39
CA ASP A 53 -10.76 -0.61 -3.36
C ASP A 53 -9.96 -0.84 -4.63
N ALA A 54 -10.53 -0.49 -5.77
CA ALA A 54 -9.83 -0.58 -7.04
C ALA A 54 -8.59 0.35 -7.06
N LEU A 55 -8.73 1.58 -6.60
CA LEU A 55 -7.59 2.46 -6.60
C LEU A 55 -6.55 1.92 -5.66
N ALA A 56 -6.94 1.41 -4.51
CA ALA A 56 -6.01 0.78 -3.58
C ALA A 56 -5.18 -0.24 -4.28
N GLU A 57 -5.83 -1.12 -5.03
CA GLU A 57 -5.11 -2.18 -5.75
C GLU A 57 -4.20 -1.58 -6.83
N ALA A 58 -4.69 -0.59 -7.56
CA ALA A 58 -3.92 0.00 -8.66
C ALA A 58 -2.62 0.63 -8.20
N MET A 59 -2.67 1.26 -7.04
CA MET A 59 -1.51 1.92 -6.50
C MET A 59 -0.37 0.97 -6.32
N LEU A 60 -0.68 -0.23 -5.86
CA LEU A 60 0.31 -1.30 -5.69
C LEU A 60 0.74 -1.93 -6.99
N ALA A 61 -0.20 -2.17 -7.88
CA ALA A 61 0.15 -2.73 -9.19
C ALA A 61 1.25 -1.86 -9.84
N GLU A 62 1.03 -0.55 -9.83
CA GLU A 62 1.93 0.43 -10.42
C GLU A 62 3.26 0.62 -9.70
N ASN A 63 3.28 0.59 -8.37
CA ASN A 63 4.52 0.98 -7.65
C ASN A 63 5.18 0.03 -6.62
N HIS A 64 4.42 -0.97 -6.14
CA HIS A 64 4.88 -1.90 -5.11
C HIS A 64 5.82 -2.89 -5.75
N SER A 65 7.11 -2.57 -5.71
CA SER A 65 8.07 -3.16 -6.63
C SER A 65 8.93 -4.31 -6.02
N THR A 66 9.12 -4.34 -4.69
CA THR A 66 9.67 -5.56 -4.03
C THR A 66 8.59 -6.18 -3.10
N SER A 67 7.35 -6.14 -3.60
CA SER A 67 6.23 -7.01 -3.18
C SER A 67 6.56 -8.51 -3.21
N VAL A 68 6.89 -9.02 -4.39
CA VAL A 68 7.27 -10.43 -4.58
C VAL A 68 8.76 -10.69 -4.21
N PRO A 69 9.05 -11.82 -3.52
CA PRO A 69 10.46 -12.29 -3.33
C PRO A 69 11.24 -12.74 -4.59
N ARG A 70 12.54 -12.97 -4.39
CA ARG A 70 13.51 -13.23 -5.47
C ARG A 70 14.72 -13.95 -4.90
N ALA A 71 15.29 -14.89 -5.65
CA ALA A 71 16.41 -15.71 -5.14
C ALA A 71 17.45 -14.90 -4.36
N ASP A 72 17.84 -13.75 -4.91
CA ASP A 72 18.81 -12.84 -4.27
C ASP A 72 18.37 -12.24 -2.91
N ASP A 73 17.07 -12.24 -2.63
CA ASP A 73 16.58 -11.81 -1.31
C ASP A 73 17.06 -12.71 -0.16
N ASP A 74 17.32 -12.11 0.99
CA ASP A 74 17.28 -12.81 2.28
C ASP A 74 16.09 -12.18 3.04
N TRP A 75 15.76 -12.73 4.22
CA TRP A 75 14.54 -12.28 4.91
C TRP A 75 14.57 -10.78 5.29
N ARG A 76 15.63 -10.32 5.95
CA ARG A 76 15.79 -8.91 6.29
C ARG A 76 15.59 -8.05 5.05
N SER A 77 16.36 -8.33 4.00
CA SER A 77 16.36 -7.51 2.79
C SER A 77 14.99 -7.50 2.12
N PHE A 78 14.24 -8.61 2.21
CA PHE A 78 12.87 -8.67 1.67
C PHE A 78 11.86 -7.81 2.46
N LEU A 79 11.78 -8.03 3.77
CA LEU A 79 10.86 -7.24 4.60
C LEU A 79 11.16 -5.76 4.56
N THR A 80 12.45 -5.42 4.53
CA THR A 80 12.90 -4.03 4.47
C THR A 80 12.46 -3.42 3.16
N GLY A 81 12.93 -4.04 2.09
CA GLY A 81 12.59 -3.61 0.76
C GLY A 81 11.09 -3.57 0.56
N ASN A 82 10.44 -4.65 0.94
CA ASN A 82 8.98 -4.80 0.92
C ASN A 82 8.23 -3.67 1.55
N ALA A 83 8.70 -3.24 2.70
CA ALA A 83 8.11 -2.14 3.45
C ALA A 83 8.39 -0.81 2.78
N ARG A 84 9.64 -0.66 2.34
CA ARG A 84 10.03 0.51 1.58
C ARG A 84 9.19 0.65 0.35
N SER A 85 8.96 -0.48 -0.30
CA SER A 85 8.26 -0.48 -1.57
C SER A 85 6.75 -0.25 -1.43
N PHE A 86 6.16 -0.88 -0.40
CA PHE A 86 4.78 -0.65 -0.04
C PHE A 86 4.59 0.86 0.18
N ARG A 87 5.36 1.40 1.11
CA ARG A 87 5.31 2.81 1.49
C ARG A 87 5.32 3.75 0.33
N GLN A 88 6.20 3.53 -0.61
CA GLN A 88 6.26 4.38 -1.81
C GLN A 88 5.00 4.26 -2.68
N ALA A 89 4.39 3.08 -2.70
CA ALA A 89 3.12 2.90 -3.42
C ALA A 89 2.04 3.78 -2.77
N LEU A 90 2.03 3.81 -1.45
CA LEU A 90 1.09 4.63 -0.70
C LEU A 90 1.31 6.13 -0.89
N LEU A 91 2.59 6.54 -0.98
CA LEU A 91 2.98 7.95 -1.10
C LEU A 91 2.87 8.52 -2.53
N ALA A 92 2.92 7.69 -3.55
CA ALA A 92 2.66 8.10 -4.94
C ALA A 92 1.33 8.83 -5.23
N TYR A 93 0.34 8.74 -4.34
CA TYR A 93 -0.93 9.36 -4.63
C TYR A 93 -1.46 9.95 -3.36
N ARG A 94 -2.11 11.08 -3.49
CA ARG A 94 -2.79 11.69 -2.42
C ARG A 94 -3.71 10.67 -1.75
N ASP A 95 -3.70 10.68 -0.40
CA ASP A 95 -4.58 9.88 0.43
C ASP A 95 -4.33 8.43 0.23
N GLY A 96 -3.13 8.11 -0.22
CA GLY A 96 -2.82 6.74 -0.52
C GLY A 96 -3.06 5.86 0.68
N ALA A 97 -2.65 6.32 1.86
CA ALA A 97 -2.64 5.40 3.00
C ALA A 97 -4.04 5.20 3.53
N ARG A 98 -4.82 6.26 3.45
CA ARG A 98 -6.13 6.30 4.00
C ARG A 98 -6.96 5.37 3.19
N ILE A 99 -6.75 5.41 1.89
CA ILE A 99 -7.51 4.58 0.98
C ILE A 99 -7.30 3.10 1.24
N HIS A 100 -6.07 2.75 1.58
CA HIS A 100 -5.66 1.35 1.75
C HIS A 100 -6.21 0.73 3.00
N ALA A 101 -6.48 1.58 3.99
CA ALA A 101 -6.93 1.12 5.28
C ALA A 101 -8.21 0.33 5.17
N GLY A 102 -8.25 -0.81 5.85
CA GLY A 102 -9.39 -1.67 5.78
C GLY A 102 -9.49 -2.51 4.53
N THR A 103 -8.58 -2.39 3.59
CA THR A 103 -8.67 -3.24 2.42
C THR A 103 -8.05 -4.57 2.79
N ARG A 104 -8.45 -5.61 2.09
CA ARG A 104 -7.92 -6.95 2.31
C ARG A 104 -7.44 -7.43 0.96
N PRO A 105 -6.21 -7.93 0.90
CA PRO A 105 -5.60 -8.28 -0.38
C PRO A 105 -6.49 -9.26 -1.19
N GLY A 106 -6.65 -9.00 -2.50
CA GLY A 106 -7.58 -9.75 -3.33
C GLY A 106 -7.25 -11.22 -3.63
N ALA A 107 -7.98 -11.81 -4.57
CA ALA A 107 -7.65 -13.14 -5.09
C ALA A 107 -6.28 -13.15 -5.77
N PRO A 108 -6.01 -12.19 -6.69
CA PRO A 108 -4.66 -12.17 -7.30
C PRO A 108 -3.58 -11.82 -6.26
N GLN A 109 -3.91 -10.88 -5.39
CA GLN A 109 -3.03 -10.44 -4.31
C GLN A 109 -2.84 -11.56 -3.27
N MET A 110 -3.76 -12.53 -3.22
CA MET A 110 -3.67 -13.68 -2.31
C MET A 110 -2.61 -14.69 -2.73
N GLU A 111 -2.65 -15.11 -4.00
CA GLU A 111 -1.62 -16.02 -4.54
C GLU A 111 -0.23 -15.43 -4.27
N THR A 112 0.04 -14.20 -4.70
CA THR A 112 1.34 -13.54 -4.37
C THR A 112 1.58 -13.29 -2.85
N ALA A 113 0.53 -13.02 -2.07
CA ALA A 113 0.69 -12.88 -0.62
C ALA A 113 1.01 -14.22 0.08
N ASP A 114 0.60 -15.34 -0.51
CA ASP A 114 1.00 -16.66 -0.03
C ASP A 114 2.49 -16.94 -0.31
N ALA A 115 3.04 -16.37 -1.38
CA ALA A 115 4.47 -16.50 -1.69
C ALA A 115 5.36 -15.82 -0.65
N GLN A 116 4.88 -14.69 -0.11
CA GLN A 116 5.58 -13.92 0.91
C GLN A 116 5.84 -14.81 2.12
N LEU A 117 4.76 -15.35 2.66
CA LEU A 117 4.84 -16.35 3.74
C LEU A 117 5.80 -17.53 3.52
N ARG A 118 5.51 -18.36 2.51
CA ARG A 118 6.26 -19.59 2.23
C ARG A 118 7.75 -19.29 2.05
N PHE A 119 8.08 -18.02 1.87
CA PHE A 119 9.45 -17.55 1.95
C PHE A 119 9.90 -17.36 3.40
N LEU A 120 9.10 -16.67 4.21
CA LEU A 120 9.51 -16.37 5.57
C LEU A 120 9.56 -17.63 6.41
N CYS A 121 8.59 -18.52 6.22
CA CYS A 121 8.65 -19.84 6.83
C CYS A 121 9.89 -20.58 6.37
N GLU A 122 10.13 -20.57 5.07
CA GLU A 122 11.37 -21.11 4.52
C GLU A 122 12.58 -20.64 5.32
N ALA A 123 12.57 -19.37 5.71
CA ALA A 123 13.74 -18.73 6.34
C ALA A 123 13.86 -18.86 7.87
N GLY A 124 12.82 -19.36 8.54
CA GLY A 124 12.93 -19.73 9.98
C GLY A 124 11.93 -19.14 10.96
N PHE A 125 10.92 -18.45 10.45
CA PHE A 125 9.84 -17.94 11.29
C PHE A 125 8.70 -18.96 11.41
N SER A 126 8.03 -19.00 12.56
CA SER A 126 6.82 -19.82 12.69
C SER A 126 5.64 -19.18 11.95
N ALA A 127 4.53 -19.90 11.86
CA ALA A 127 3.37 -19.43 11.09
C ALA A 127 2.83 -18.10 11.61
N GLY A 128 2.55 -18.06 12.90
CA GLY A 128 2.01 -16.87 13.55
C GLY A 128 2.98 -15.73 13.59
N ASP A 129 4.27 -16.04 13.67
CA ASP A 129 5.31 -15.04 13.58
C ASP A 129 5.35 -14.40 12.21
N ALA A 130 5.17 -15.19 11.18
CA ALA A 130 5.24 -14.66 9.81
C ALA A 130 4.06 -13.72 9.53
N VAL A 131 2.86 -14.10 9.94
CA VAL A 131 1.68 -13.25 9.79
C VAL A 131 1.95 -11.95 10.52
N ASN A 132 2.45 -12.08 11.76
CA ASN A 132 2.77 -10.91 12.60
C ASN A 132 3.81 -9.96 12.01
N ALA A 133 4.85 -10.52 11.39
CA ALA A 133 5.83 -9.69 10.70
C ALA A 133 5.23 -8.86 9.54
N LEU A 134 4.24 -9.41 8.85
CA LEU A 134 3.72 -8.73 7.68
C LEU A 134 2.73 -7.72 8.17
N MET A 135 1.84 -8.15 9.05
CA MET A 135 0.85 -7.23 9.56
C MET A 135 1.52 -6.03 10.22
N THR A 136 2.45 -6.30 11.13
CA THR A 136 3.03 -5.25 11.93
C THR A 136 3.74 -4.18 11.08
N ILE A 137 4.49 -4.65 10.09
CA ILE A 137 5.14 -3.78 9.13
C ILE A 137 4.08 -3.02 8.39
N SER A 138 3.05 -3.74 7.97
CA SER A 138 1.89 -3.14 7.32
C SER A 138 1.21 -2.02 8.18
N TYR A 139 0.93 -2.33 9.43
CA TYR A 139 0.30 -1.37 10.32
C TYR A 139 1.17 -0.15 10.59
N PHE A 140 2.48 -0.39 10.73
CA PHE A 140 3.45 0.66 10.94
C PHE A 140 3.51 1.60 9.74
N THR A 141 3.52 1.01 8.55
CA THR A 141 3.73 1.77 7.32
C THR A 141 2.52 2.68 7.04
N VAL A 142 1.34 2.08 7.05
CA VAL A 142 0.09 2.82 6.84
C VAL A 142 0.05 3.97 7.86
N GLY A 143 0.37 3.64 9.11
CA GLY A 143 0.42 4.65 10.17
C GLY A 143 1.38 5.75 9.75
N ALA A 144 2.63 5.38 9.43
CA ALA A 144 3.66 6.38 9.14
C ALA A 144 3.22 7.28 7.97
N VAL A 145 2.69 6.66 6.92
CA VAL A 145 2.34 7.41 5.74
C VAL A 145 1.15 8.29 6.05
N LEU A 146 0.15 7.73 6.72
CA LEU A 146 -1.01 8.53 7.07
C LEU A 146 -0.58 9.82 7.76
N GLU A 147 0.35 9.74 8.69
CA GLU A 147 0.76 10.92 9.45
C GLU A 147 1.53 11.84 8.55
N GLU A 148 2.38 11.29 7.70
CA GLU A 148 3.05 12.15 6.73
C GLU A 148 2.07 12.89 5.79
N GLN A 149 1.05 12.17 5.30
CA GLN A 149 0.16 12.69 4.25
C GLN A 149 -0.81 13.71 4.77
N ALA A 150 -1.33 13.47 5.96
CA ALA A 150 -2.20 14.40 6.64
C ALA A 150 -1.50 15.66 7.10
N GLY A 151 -0.34 15.53 7.73
CA GLY A 151 0.45 16.67 8.20
C GLY A 151 0.64 17.65 7.06
N ASP A 152 1.01 17.09 5.89
CA ASP A 152 1.09 17.86 4.63
C ASP A 152 -0.29 18.37 4.22
N SER A 153 -1.24 17.45 3.99
CA SER A 153 -2.66 17.78 3.64
C SER A 153 -3.35 18.86 4.48
N GLU A 154 -3.04 18.92 5.77
CA GLU A 154 -3.75 19.78 6.74
C GLU A 154 -3.10 21.15 6.94
N SER A 155 -1.95 21.35 6.34
CA SER A 155 -1.15 22.57 6.56
C SER A 155 -1.86 23.92 6.30
N GLY A 156 -2.96 23.92 5.52
CA GLY A 156 -3.90 25.05 5.34
C GLY A 156 -4.40 25.73 6.63
N GLU A 157 -4.83 24.93 7.62
CA GLU A 157 -4.93 25.41 9.03
C GLU A 157 -3.60 25.31 9.86
N GLU A 180 11.92 16.36 13.08
CA GLU A 180 12.61 17.46 12.41
C GLU A 180 13.43 16.99 11.18
N ALA A 181 14.04 15.79 11.27
CA ALA A 181 15.09 15.31 10.32
C ALA A 181 14.63 14.47 9.09
N GLY A 182 13.32 14.28 8.91
CA GLY A 182 12.81 13.54 7.77
C GLY A 182 11.75 12.49 8.11
N PRO A 183 10.58 12.56 7.45
CA PRO A 183 9.66 11.43 7.54
C PRO A 183 10.28 10.15 6.97
N ASP A 184 11.20 10.26 6.03
CA ASP A 184 11.91 9.06 5.55
C ASP A 184 12.83 8.48 6.61
N ALA A 185 13.62 9.32 7.27
CA ALA A 185 14.42 8.85 8.42
C ALA A 185 13.57 8.09 9.48
N ALA A 186 12.59 8.81 10.04
CA ALA A 186 11.60 8.31 11.00
C ALA A 186 10.97 6.99 10.61
N PHE A 187 10.66 6.82 9.34
CA PHE A 187 10.10 5.58 8.91
C PHE A 187 11.16 4.55 8.95
N GLU A 188 12.23 4.86 8.23
CA GLU A 188 13.41 3.99 8.09
C GLU A 188 13.93 3.47 9.43
N GLN A 189 13.95 4.34 10.43
CA GLN A 189 14.28 3.93 11.80
C GLN A 189 13.26 2.97 12.41
N GLY A 190 11.98 3.34 12.41
CA GLY A 190 10.98 2.50 13.06
C GLY A 190 11.00 1.11 12.46
N LEU A 191 11.19 1.07 11.15
CA LEU A 191 11.30 -0.17 10.38
C LEU A 191 12.55 -0.95 10.81
N ALA A 192 13.65 -0.26 11.10
CA ALA A 192 14.90 -0.90 11.61
C ALA A 192 14.64 -1.59 12.95
N VAL A 193 14.03 -0.86 13.88
CA VAL A 193 13.61 -1.42 15.17
C VAL A 193 12.69 -2.63 14.96
N ILE A 194 11.74 -2.49 14.06
CA ILE A 194 10.84 -3.60 13.81
C ILE A 194 11.58 -4.83 13.34
N VAL A 195 12.56 -4.66 12.47
CA VAL A 195 13.19 -5.82 11.89
C VAL A 195 14.04 -6.55 12.95
N ASP A 196 14.56 -5.76 13.91
CA ASP A 196 15.36 -6.32 14.99
C ASP A 196 14.48 -7.26 15.85
N GLY A 197 13.38 -6.72 16.37
CA GLY A 197 12.49 -7.50 17.23
C GLY A 197 11.97 -8.78 16.61
N LEU A 198 11.88 -8.82 15.28
CA LEU A 198 11.54 -10.06 14.59
C LEU A 198 12.70 -11.03 14.58
N ALA A 199 13.92 -10.51 14.39
CA ALA A 199 15.16 -11.32 14.45
C ALA A 199 15.26 -12.13 15.73
N LYS A 200 14.69 -11.60 16.82
CA LYS A 200 14.54 -12.38 18.06
C LYS A 200 13.69 -13.67 17.93
N ARG A 201 13.29 -14.06 16.72
CA ARG A 201 12.65 -15.38 16.54
C ARG A 201 12.79 -16.01 15.13
N ARG A 202 13.79 -15.53 14.36
CA ARG A 202 14.20 -16.16 13.11
C ARG A 202 14.88 -17.52 13.39
O12 TDC B . -1.81 -4.49 3.15
C12 TDC B . -1.15 -5.56 3.19
C1B TDC B . -1.71 -6.76 3.87
C11 TDC B . -2.99 -6.69 4.39
O11 TDC B . -3.74 -5.53 4.30
C1A TDC B . -3.55 -7.80 5.01
C10 TDC B . -4.83 -7.72 5.54
O10 TDC B . -5.61 -6.57 5.47
C9 TDC B . -5.41 -8.90 6.20
C8 TDC B . -4.66 -10.05 6.26
C7 TDC B . -3.39 -10.09 5.73
C61 TDC B . -2.80 -8.98 5.11
C6 TDC B . -1.50 -9.03 4.57
C62 TDC B . -0.64 -10.26 4.62
C51 TDC B . -0.95 -7.92 3.93
C5 TDC B . 0.46 -7.98 3.38
C1C TDC B . 0.18 -5.70 2.51
C1 TDC B . 0.02 -6.42 1.17
O1 TDC B . -1.10 -6.70 0.76
O1C TDC B . 0.84 -4.47 2.37
C41 TDC B . 1.09 -6.59 3.30
C4 TDC B . 2.53 -6.70 2.68
N4 TDC B . 3.64 -5.83 3.24
C43 TDC B . 3.24 -4.46 3.64
C42 TDC B . 4.15 -6.55 4.47
C3 TDC B . 2.50 -6.71 1.15
O3 TDC B . 3.58 -6.87 0.60
C2 TDC B . 1.25 -6.66 0.43
C21 TDC B . 1.22 -6.81 -1.04
O21 TDC B . 2.25 -7.08 -1.65
N21 TDC B . 0.06 -6.80 -1.72
MG MG C . -4.19 -4.05 3.14
#